data_6URQ
#
_entry.id   6URQ
#
_cell.length_a   134.908
_cell.length_b   101.035
_cell.length_c   75.418
_cell.angle_alpha   90.000
_cell.angle_beta   107.232
_cell.angle_gamma   90.000
#
_symmetry.space_group_name_H-M   'C 1 2 1'
#
loop_
_entity.id
_entity.type
_entity.pdbx_description
1 polymer 'Poly [ADP-ribose] polymerase tankyrase-1'
2 polymer 'P antigen family member 4'
3 non-polymer 'SULFATE ION'
4 non-polymer GLYCEROL
5 water water
#
loop_
_entity_poly.entity_id
_entity_poly.type
_entity_poly.pdbx_seq_one_letter_code
_entity_poly.pdbx_strand_id
1 'polypeptide(L)'
;AVLTGEYKKDELLEAARSGNEEKLMALLTPLNVNCHASDGRKSTPLHLAAGYNRVRIVQLLLQHGADVHAKDKGGLVPLH
NACSYGHYEVTELLLKHGACVNAMDLWQFTPLHEAASKNRVEVCSLLLSHGADPTLVNCHGKSAVDMAPTPELRERLTYE
FKGHSLLQAAREADLAKVKKTLALEIINFKQPQSHETALHCAVASLHPKRKQVTELLLRKGANVNEKNKDFMTPLHVAAE
RAHNDVMEVLHKHGAKMNALDTLGQTALHRAALAGHLQTCRLLLSYGSDPSIISLQGFTAAQMGNEAVQQILSESTPIR
;
A,B
2 'polypeptide(L)'
;MSARVRSRSRGRGDGQEAPDVVAFVAPGESQQEEPPTDNQDIEPGQEREGTPPIEERKVEGDCQEMDLEKTRSERGDGSD
VKEKTPPNPKHAKTKEAGDGQP
;
C,D
#
# COMPACT_ATOMS: atom_id res chain seq x y z
N GLU A 6 -31.75 40.67 22.49
CA GLU A 6 -30.85 39.58 22.87
C GLU A 6 -31.65 38.45 23.51
N TYR A 7 -32.93 38.70 23.77
CA TYR A 7 -33.81 37.63 24.23
C TYR A 7 -34.26 36.75 23.07
N LYS A 8 -34.53 37.37 21.91
CA LYS A 8 -34.85 36.60 20.71
C LYS A 8 -33.64 35.81 20.22
N LYS A 9 -32.43 36.36 20.38
CA LYS A 9 -31.22 35.63 20.03
C LYS A 9 -31.17 34.27 20.72
N ASP A 10 -31.27 34.27 22.06
CA ASP A 10 -31.26 33.01 22.81
C ASP A 10 -32.30 32.03 22.29
N GLU A 11 -33.51 32.52 21.99
CA GLU A 11 -34.53 31.65 21.44
C GLU A 11 -34.12 31.10 20.08
N LEU A 12 -33.44 31.92 19.28
CA LEU A 12 -33.00 31.48 17.96
C LEU A 12 -31.93 30.40 18.08
N LEU A 13 -30.91 30.66 18.90
CA LEU A 13 -29.89 29.65 19.15
C LEU A 13 -30.51 28.36 19.67
N GLU A 14 -31.50 28.47 20.55
CA GLU A 14 -32.19 27.29 21.05
C GLU A 14 -32.90 26.55 19.92
N ALA A 15 -33.58 27.29 19.03
CA ALA A 15 -34.23 26.64 17.89
C ALA A 15 -33.21 25.90 17.03
N ALA A 16 -32.02 26.47 16.87
CA ALA A 16 -30.98 25.83 16.06
C ALA A 16 -30.51 24.54 16.72
N ARG A 17 -30.20 24.58 18.01
CA ARG A 17 -29.71 23.40 18.71
C ARG A 17 -30.76 22.29 18.74
N SER A 18 -32.03 22.65 18.91
CA SER A 18 -33.09 21.66 19.09
C SER A 18 -33.66 21.16 17.76
N GLY A 19 -33.35 21.80 16.64
CA GLY A 19 -33.93 21.43 15.38
C GLY A 19 -35.33 21.94 15.14
N ASN A 20 -35.77 22.95 15.89
CA ASN A 20 -37.13 23.48 15.74
C ASN A 20 -37.20 24.38 14.52
N GLU A 21 -37.65 23.83 13.38
CA GLU A 21 -37.64 24.60 12.13
C GLU A 21 -38.61 25.77 12.18
N GLU A 22 -39.85 25.54 12.64
CA GLU A 22 -40.84 26.60 12.62
C GLU A 22 -40.39 27.79 13.48
N LYS A 23 -39.88 27.51 14.67
CA LYS A 23 -39.42 28.59 15.54
C LYS A 23 -38.20 29.30 14.97
N LEU A 24 -37.28 28.54 14.36
CA LEU A 24 -36.12 29.16 13.74
C LEU A 24 -36.54 30.19 12.69
N MET A 25 -37.37 29.77 11.74
CA MET A 25 -37.79 30.67 10.66
C MET A 25 -38.66 31.82 11.15
N ALA A 26 -39.35 31.66 12.27
CA ALA A 26 -40.09 32.79 12.85
C ALA A 26 -39.13 33.84 13.40
N LEU A 27 -37.98 33.43 13.93
CA LEU A 27 -37.07 34.34 14.61
C LEU A 27 -35.91 34.82 13.75
N LEU A 28 -35.60 34.12 12.67
CA LEU A 28 -34.39 34.38 11.90
C LEU A 28 -34.57 35.62 11.02
N THR A 29 -33.64 36.55 11.12
CA THR A 29 -33.62 37.76 10.31
C THR A 29 -32.22 38.01 9.79
N PRO A 30 -32.08 38.83 8.75
CA PRO A 30 -30.74 39.26 8.32
C PRO A 30 -29.92 39.83 9.44
N LEU A 31 -30.56 40.28 10.52
CA LEU A 31 -29.82 40.90 11.60
C LEU A 31 -29.24 39.91 12.59
N ASN A 32 -29.85 38.72 12.76
CA ASN A 32 -29.36 37.76 13.74
C ASN A 32 -28.87 36.44 13.16
N VAL A 33 -28.81 36.28 11.84
CA VAL A 33 -28.46 34.97 11.30
C VAL A 33 -27.07 34.53 11.78
N ASN A 34 -26.15 35.47 11.98
CA ASN A 34 -24.78 35.19 12.40
C ASN A 34 -24.49 35.72 13.81
N CYS A 35 -25.51 35.77 14.67
CA CYS A 35 -25.32 36.13 16.07
C CYS A 35 -24.54 35.03 16.79
N HIS A 36 -23.91 35.39 17.91
CA HIS A 36 -23.20 34.44 18.76
C HIS A 36 -23.84 34.36 20.14
N ALA A 37 -23.72 33.20 20.79
CA ALA A 37 -24.18 33.09 22.18
C ALA A 37 -23.28 33.91 23.10
N SER A 38 -23.88 34.42 24.19
CA SER A 38 -23.15 35.29 25.11
C SER A 38 -22.16 34.52 25.97
N ASP A 39 -22.46 33.25 26.25
CA ASP A 39 -21.67 32.40 27.14
C ASP A 39 -21.31 31.11 26.41
N GLY A 40 -20.60 30.23 27.12
CA GLY A 40 -20.29 28.93 26.54
C GLY A 40 -19.28 29.05 25.42
N ARG A 41 -19.49 28.26 24.37
CA ARG A 41 -18.62 28.30 23.19
C ARG A 41 -18.82 29.54 22.34
N LYS A 42 -19.88 30.32 22.60
CA LYS A 42 -20.24 31.48 21.79
C LYS A 42 -20.50 31.08 20.34
N SER A 43 -21.19 29.96 20.15
CA SER A 43 -21.47 29.45 18.82
C SER A 43 -22.48 30.33 18.10
N THR A 44 -22.47 30.25 16.78
CA THR A 44 -23.54 30.79 15.96
C THR A 44 -24.62 29.75 15.79
N PRO A 45 -25.79 30.16 15.30
CA PRO A 45 -26.81 29.14 14.96
C PRO A 45 -26.26 28.06 14.05
N LEU A 46 -25.34 28.40 13.15
CA LEU A 46 -24.79 27.39 12.24
C LEU A 46 -23.89 26.43 13.00
N HIS A 47 -23.08 26.92 13.94
CA HIS A 47 -22.30 26.02 14.79
C HIS A 47 -23.21 25.02 15.49
N LEU A 48 -24.28 25.53 16.10
CA LEU A 48 -25.21 24.67 16.84
C LEU A 48 -25.87 23.65 15.92
N ALA A 49 -26.45 24.11 14.82
CA ALA A 49 -27.15 23.20 13.94
C ALA A 49 -26.21 22.12 13.44
N ALA A 50 -24.97 22.48 13.16
CA ALA A 50 -23.99 21.51 12.67
C ALA A 50 -23.59 20.53 13.75
N GLY A 51 -23.29 21.03 14.95
CA GLY A 51 -22.86 20.16 16.05
C GLY A 51 -23.93 19.20 16.54
N TYR A 52 -25.20 19.60 16.48
CA TYR A 52 -26.31 18.75 16.89
C TYR A 52 -27.04 18.14 15.70
N ASN A 53 -26.43 18.13 14.52
CA ASN A 53 -26.92 17.37 13.37
C ASN A 53 -28.34 17.74 12.97
N ARG A 54 -28.66 19.03 12.99
CA ARG A 54 -29.96 19.53 12.52
C ARG A 54 -29.87 19.86 11.03
N VAL A 55 -29.82 18.80 10.22
CA VAL A 55 -29.57 18.96 8.79
C VAL A 55 -30.45 20.04 8.20
N ARG A 56 -31.76 19.97 8.48
CA ARG A 56 -32.70 20.91 7.87
C ARG A 56 -32.39 22.35 8.26
N ILE A 57 -32.16 22.58 9.55
CA ILE A 57 -31.78 23.91 10.02
C ILE A 57 -30.53 24.39 9.29
N VAL A 58 -29.55 23.49 9.12
CA VAL A 58 -28.31 23.88 8.45
C VAL A 58 -28.61 24.41 7.06
N GLN A 59 -29.45 23.69 6.32
CA GLN A 59 -29.79 24.11 4.96
C GLN A 59 -30.48 25.47 4.95
N LEU A 60 -31.37 25.69 5.91
CA LEU A 60 -32.11 26.95 5.91
C LEU A 60 -31.21 28.11 6.31
N LEU A 61 -30.38 27.91 7.32
CA LEU A 61 -29.38 28.92 7.67
C LEU A 61 -28.53 29.29 6.47
N LEU A 62 -28.01 28.27 5.75
CA LEU A 62 -27.20 28.53 4.56
C LEU A 62 -27.98 29.26 3.49
N GLN A 63 -29.24 28.87 3.24
CA GLN A 63 -30.07 29.58 2.28
C GLN A 63 -30.27 31.05 2.66
N HIS A 64 -30.27 31.37 3.95
CA HIS A 64 -30.61 32.72 4.37
C HIS A 64 -29.42 33.49 4.94
N GLY A 65 -28.22 33.19 4.45
CA GLY A 65 -27.09 34.06 4.64
C GLY A 65 -26.16 33.73 5.79
N ALA A 66 -26.29 32.56 6.39
CA ALA A 66 -25.35 32.19 7.45
C ALA A 66 -23.95 32.12 6.86
N ASP A 67 -22.97 32.50 7.67
CA ASP A 67 -21.57 32.60 7.24
C ASP A 67 -20.85 31.32 7.64
N VAL A 68 -20.43 30.53 6.65
CA VAL A 68 -19.71 29.30 6.95
C VAL A 68 -18.34 29.53 7.58
N HIS A 69 -17.86 30.78 7.60
CA HIS A 69 -16.55 31.07 8.20
C HIS A 69 -16.65 31.65 9.60
N ALA A 70 -17.86 31.68 10.18
CA ALA A 70 -18.02 32.18 11.54
C ALA A 70 -17.22 31.32 12.51
N LYS A 71 -16.70 31.96 13.56
CA LYS A 71 -15.84 31.34 14.56
C LYS A 71 -16.57 31.22 15.90
N ASP A 72 -16.21 30.20 16.68
CA ASP A 72 -16.64 30.15 18.06
C ASP A 72 -15.48 30.59 18.95
N LYS A 73 -15.65 30.46 20.26
CA LYS A 73 -14.63 30.91 21.21
C LYS A 73 -13.27 30.26 20.95
N GLY A 74 -13.24 29.10 20.31
CA GLY A 74 -12.02 28.37 20.11
C GLY A 74 -11.43 28.48 18.72
N GLY A 75 -12.00 29.31 17.84
CA GLY A 75 -11.57 29.33 16.47
C GLY A 75 -12.20 28.25 15.61
N LEU A 76 -13.14 27.49 16.14
CA LEU A 76 -13.83 26.50 15.34
C LEU A 76 -14.81 27.17 14.38
N VAL A 77 -14.86 26.67 13.16
CA VAL A 77 -15.91 27.00 12.22
C VAL A 77 -16.94 25.88 12.33
N PRO A 78 -18.15 26.05 11.78
CA PRO A 78 -19.16 24.98 11.89
C PRO A 78 -18.67 23.63 11.37
N LEU A 79 -17.78 23.61 10.37
CA LEU A 79 -17.24 22.34 9.86
C LEU A 79 -16.55 21.54 10.97
N HIS A 80 -15.81 22.21 11.86
CA HIS A 80 -15.25 21.51 13.03
C HIS A 80 -16.32 20.79 13.82
N ASN A 81 -17.46 21.45 14.06
CA ASN A 81 -18.53 20.84 14.83
C ASN A 81 -19.13 19.67 14.09
N ALA A 82 -19.39 19.83 12.80
CA ALA A 82 -19.95 18.72 12.02
C ALA A 82 -19.01 17.53 12.03
N CYS A 83 -17.71 17.79 11.85
CA CYS A 83 -16.75 16.70 11.68
C CYS A 83 -16.46 16.00 13.00
N SER A 84 -16.28 16.77 14.08
CA SER A 84 -15.98 16.18 15.37
C SER A 84 -17.04 15.19 15.83
N TYR A 85 -18.30 15.42 15.47
CA TYR A 85 -19.40 14.55 15.89
C TYR A 85 -19.87 13.61 14.78
N GLY A 86 -19.21 13.63 13.62
CA GLY A 86 -19.43 12.64 12.59
C GLY A 86 -20.73 12.76 11.83
N HIS A 87 -21.29 13.96 11.74
CA HIS A 87 -22.52 14.18 10.98
C HIS A 87 -22.16 14.31 9.51
N TYR A 88 -22.26 13.19 8.79
CA TYR A 88 -21.82 13.16 7.40
C TYR A 88 -22.55 14.19 6.55
N GLU A 89 -23.88 14.17 6.60
CA GLU A 89 -24.66 15.00 5.67
C GLU A 89 -24.43 16.49 5.92
N VAL A 90 -24.42 16.90 7.19
CA VAL A 90 -24.09 18.29 7.50
C VAL A 90 -22.75 18.66 6.89
N THR A 91 -21.73 17.84 7.13
CA THR A 91 -20.39 18.11 6.63
C THR A 91 -20.40 18.37 5.13
N GLU A 92 -21.15 17.58 4.36
CA GLU A 92 -21.12 17.76 2.92
C GLU A 92 -21.83 19.04 2.50
N LEU A 93 -22.94 19.37 3.17
CA LEU A 93 -23.63 20.62 2.88
C LEU A 93 -22.71 21.81 3.07
N LEU A 94 -22.08 21.90 4.25
CA LEU A 94 -21.12 22.97 4.51
C LEU A 94 -20.08 23.05 3.41
N LEU A 95 -19.45 21.92 3.07
CA LEU A 95 -18.44 21.91 2.02
C LEU A 95 -19.04 22.39 0.70
N LYS A 96 -20.26 21.94 0.39
CA LYS A 96 -20.98 22.44 -0.79
C LYS A 96 -21.16 23.96 -0.77
N HIS A 97 -21.35 24.56 0.39
CA HIS A 97 -21.51 26.00 0.46
C HIS A 97 -20.21 26.74 0.76
N GLY A 98 -19.07 26.09 0.55
CA GLY A 98 -17.80 26.79 0.52
C GLY A 98 -17.04 26.84 1.82
N ALA A 99 -17.34 25.97 2.77
CA ALA A 99 -16.56 25.90 4.00
C ALA A 99 -15.12 25.49 3.67
N CYS A 100 -14.17 26.17 4.31
N CYS A 100 -14.17 26.18 4.30
CA CYS A 100 -12.74 25.89 4.09
CA CYS A 100 -12.76 25.88 4.07
C CYS A 100 -12.40 24.52 4.68
C CYS A 100 -12.42 24.52 4.67
N VAL A 101 -12.03 23.56 3.82
CA VAL A 101 -11.85 22.21 4.29
C VAL A 101 -10.67 22.08 5.26
N ASN A 102 -9.69 22.98 5.19
CA ASN A 102 -8.55 22.94 6.11
C ASN A 102 -8.55 24.12 7.09
N ALA A 103 -9.73 24.67 7.40
CA ALA A 103 -9.80 25.77 8.35
C ALA A 103 -9.19 25.34 9.68
N MET A 104 -8.49 26.27 10.32
CA MET A 104 -7.77 25.98 11.55
C MET A 104 -8.35 26.76 12.72
N ASP A 105 -8.55 26.08 13.85
CA ASP A 105 -8.92 26.72 15.10
C ASP A 105 -7.67 27.30 15.78
N LEU A 106 -7.85 27.86 16.99
CA LEU A 106 -6.73 28.49 17.68
C LEU A 106 -5.56 27.54 17.92
N TRP A 107 -5.82 26.24 17.94
CA TRP A 107 -4.78 25.25 18.17
C TRP A 107 -4.31 24.60 16.88
N GLN A 108 -4.65 25.18 15.74
CA GLN A 108 -4.33 24.65 14.41
C GLN A 108 -4.90 23.25 14.16
N PHE A 109 -5.97 22.88 14.88
CA PHE A 109 -6.75 21.71 14.50
C PHE A 109 -7.59 22.02 13.27
N THR A 110 -7.52 21.15 12.26
CA THR A 110 -8.39 21.21 11.10
C THR A 110 -9.61 20.33 11.33
N PRO A 111 -10.60 20.39 10.43
CA PRO A 111 -11.73 19.46 10.55
C PRO A 111 -11.30 18.00 10.50
N LEU A 112 -10.28 17.69 9.70
CA LEU A 112 -9.74 16.32 9.65
C LEU A 112 -9.13 15.88 10.98
N HIS A 113 -8.36 16.75 11.63
CA HIS A 113 -7.93 16.45 12.98
C HIS A 113 -9.11 16.02 13.84
N GLU A 114 -10.21 16.78 13.79
CA GLU A 114 -11.35 16.50 14.64
C GLU A 114 -12.03 15.18 14.27
N ALA A 115 -12.22 14.92 12.98
CA ALA A 115 -12.87 13.69 12.57
C ALA A 115 -11.98 12.47 12.88
N ALA A 116 -10.70 12.54 12.51
CA ALA A 116 -9.80 11.44 12.83
C ALA A 116 -9.69 11.24 14.33
N SER A 117 -9.53 12.34 15.07
CA SER A 117 -9.38 12.27 16.51
C SER A 117 -10.50 11.47 17.16
N LYS A 118 -11.73 11.63 16.66
CA LYS A 118 -12.92 10.99 17.24
C LYS A 118 -13.33 9.74 16.48
N ASN A 119 -12.47 9.22 15.61
CA ASN A 119 -12.73 7.96 14.90
C ASN A 119 -13.95 8.08 13.99
N ARG A 120 -14.12 9.25 13.36
CA ARG A 120 -15.20 9.44 12.40
C ARG A 120 -14.69 9.04 11.03
N VAL A 121 -14.75 7.74 10.75
CA VAL A 121 -14.14 7.19 9.55
C VAL A 121 -14.82 7.74 8.30
N GLU A 122 -16.14 7.64 8.24
CA GLU A 122 -16.91 8.12 7.09
C GLU A 122 -16.59 9.57 6.75
N VAL A 123 -16.56 10.43 7.76
CA VAL A 123 -16.37 11.86 7.50
C VAL A 123 -14.94 12.13 7.03
N CYS A 124 -13.95 11.38 7.53
CA CYS A 124 -12.57 11.60 7.08
C CYS A 124 -12.45 11.35 5.58
N SER A 125 -13.06 10.28 5.09
CA SER A 125 -13.03 10.03 3.64
C SER A 125 -13.65 11.20 2.89
N LEU A 126 -14.80 11.68 3.35
CA LEU A 126 -15.41 12.86 2.74
C LEU A 126 -14.44 14.03 2.72
N LEU A 127 -13.90 14.38 3.89
CA LEU A 127 -12.97 15.50 3.96
C LEU A 127 -11.82 15.33 2.96
N LEU A 128 -11.26 14.12 2.87
CA LEU A 128 -10.12 13.91 1.98
C LEU A 128 -10.53 14.07 0.51
N SER A 129 -11.71 13.57 0.14
CA SER A 129 -12.20 13.79 -1.21
C SER A 129 -12.36 15.28 -1.54
N HIS A 130 -12.51 16.15 -0.54
CA HIS A 130 -12.59 17.57 -0.79
C HIS A 130 -11.29 18.31 -0.48
N GLY A 131 -10.17 17.59 -0.43
CA GLY A 131 -8.88 18.23 -0.36
C GLY A 131 -8.33 18.44 1.03
N ALA A 132 -8.80 17.69 2.01
CA ALA A 132 -8.24 17.79 3.36
C ALA A 132 -6.83 17.21 3.36
N ASP A 133 -5.90 17.96 3.94
CA ASP A 133 -4.49 17.59 3.95
C ASP A 133 -4.18 16.89 5.26
N PRO A 134 -4.02 15.56 5.28
CA PRO A 134 -3.69 14.87 6.53
C PRO A 134 -2.24 15.03 6.96
N THR A 135 -1.45 15.82 6.22
CA THR A 135 -0.08 16.11 6.62
C THR A 135 0.01 17.40 7.45
N LEU A 136 -0.95 18.31 7.32
CA LEU A 136 -0.93 19.55 8.10
C LEU A 136 -0.87 19.23 9.58
N VAL A 137 -0.01 19.96 10.29
CA VAL A 137 0.21 19.70 11.72
C VAL A 137 -0.49 20.78 12.52
N ASN A 138 -1.03 20.37 13.68
CA ASN A 138 -1.59 21.31 14.63
C ASN A 138 -0.44 21.98 15.39
N CYS A 139 -0.75 22.68 16.48
CA CYS A 139 0.26 23.45 17.19
C CYS A 139 1.23 22.58 17.97
N HIS A 140 0.87 21.32 18.23
CA HIS A 140 1.76 20.34 18.84
C HIS A 140 2.52 19.53 17.81
N GLY A 141 2.54 19.96 16.56
CA GLY A 141 3.20 19.22 15.51
C GLY A 141 2.54 17.92 15.10
N LYS A 142 1.38 17.59 15.67
CA LYS A 142 0.68 16.34 15.36
C LYS A 142 -0.25 16.51 14.16
N SER A 143 -0.16 15.58 13.21
CA SER A 143 -1.03 15.60 12.05
C SER A 143 -2.31 14.81 12.33
N ALA A 144 -3.21 14.76 11.35
CA ALA A 144 -4.46 14.02 11.54
C ALA A 144 -4.18 12.52 11.65
N VAL A 145 -3.30 11.99 10.79
CA VAL A 145 -2.94 10.59 10.89
C VAL A 145 -2.40 10.28 12.28
N ASP A 146 -1.59 11.19 12.83
CA ASP A 146 -1.09 11.02 14.19
C ASP A 146 -2.22 10.90 15.21
N MET A 147 -3.40 11.41 14.89
CA MET A 147 -4.50 11.42 15.86
C MET A 147 -5.50 10.29 15.66
N ALA A 148 -5.51 9.64 14.50
CA ALA A 148 -6.36 8.49 14.28
C ALA A 148 -6.09 7.44 15.38
N PRO A 149 -7.12 7.02 16.12
CA PRO A 149 -6.88 6.17 17.30
C PRO A 149 -6.72 4.69 17.01
N THR A 150 -6.95 4.23 15.77
CA THR A 150 -6.72 2.84 15.40
C THR A 150 -5.75 2.77 14.23
N PRO A 151 -4.97 1.69 14.11
CA PRO A 151 -4.14 1.52 12.90
C PRO A 151 -4.96 1.28 11.64
N GLU A 152 -6.22 0.86 11.77
CA GLU A 152 -7.08 0.69 10.60
C GLU A 152 -7.39 2.04 9.96
N LEU A 153 -7.73 3.03 10.78
CA LEU A 153 -8.01 4.36 10.25
C LEU A 153 -6.74 5.01 9.70
N ARG A 154 -5.60 4.80 10.37
CA ARG A 154 -4.35 5.36 9.86
C ARG A 154 -4.02 4.81 8.48
N GLU A 155 -4.21 3.50 8.27
CA GLU A 155 -3.89 2.98 6.94
C GLU A 155 -4.92 3.43 5.91
N ARG A 156 -6.16 3.68 6.32
CA ARG A 156 -7.17 4.15 5.37
C ARG A 156 -6.92 5.62 5.00
N LEU A 157 -6.69 6.47 6.01
CA LEU A 157 -6.33 7.86 5.75
C LEU A 157 -5.16 7.95 4.80
N THR A 158 -4.14 7.11 5.02
CA THR A 158 -2.95 7.13 4.17
C THR A 158 -3.28 6.67 2.77
N TYR A 159 -4.08 5.60 2.66
CA TYR A 159 -4.50 5.11 1.35
C TYR A 159 -5.25 6.18 0.57
N GLU A 160 -6.25 6.79 1.20
CA GLU A 160 -7.06 7.77 0.45
C GLU A 160 -6.25 8.99 0.05
N PHE A 161 -5.37 9.47 0.94
CA PHE A 161 -4.56 10.62 0.58
C PHE A 161 -3.59 10.29 -0.55
N LYS A 162 -3.00 9.10 -0.52
CA LYS A 162 -2.13 8.72 -1.63
C LYS A 162 -2.93 8.56 -2.91
N GLY A 163 -4.15 8.03 -2.81
CA GLY A 163 -5.01 7.95 -3.97
C GLY A 163 -5.19 9.29 -4.64
N HIS A 164 -5.68 10.28 -3.87
CA HIS A 164 -5.92 11.59 -4.47
C HIS A 164 -4.63 12.21 -4.99
N SER A 165 -3.50 11.99 -4.30
CA SER A 165 -2.23 12.54 -4.77
C SER A 165 -1.82 11.90 -6.08
N LEU A 166 -2.14 10.62 -6.29
CA LEU A 166 -1.79 9.98 -7.55
C LEU A 166 -2.56 10.59 -8.71
N LEU A 167 -3.84 10.94 -8.48
CA LEU A 167 -4.70 11.47 -9.54
C LEU A 167 -4.20 12.84 -10.01
N GLN A 168 -3.85 13.71 -9.06
CA GLN A 168 -3.33 15.04 -9.41
C GLN A 168 -2.03 14.92 -10.22
N ALA A 169 -1.09 14.08 -9.76
CA ALA A 169 0.18 13.92 -10.46
C ALA A 169 -0.03 13.41 -11.88
N ALA A 170 -1.04 12.56 -12.09
CA ALA A 170 -1.34 12.10 -13.44
C ALA A 170 -1.87 13.24 -14.30
N ARG A 171 -2.63 14.15 -13.72
CA ARG A 171 -3.17 15.26 -14.48
C ARG A 171 -2.05 16.14 -15.02
N GLU A 172 -0.94 16.22 -14.27
CA GLU A 172 0.19 17.06 -14.63
C GLU A 172 1.29 16.29 -15.33
N ALA A 173 1.03 15.05 -15.72
CA ALA A 173 2.04 14.21 -16.35
C ALA A 173 3.39 14.39 -15.66
N ASP A 174 3.37 14.37 -14.32
CA ASP A 174 4.57 14.45 -13.47
C ASP A 174 5.18 13.05 -13.35
N LEU A 175 5.98 12.69 -14.36
CA LEU A 175 6.52 11.34 -14.42
C LEU A 175 7.29 10.98 -13.16
N ALA A 176 8.06 11.94 -12.63
CA ALA A 176 8.89 11.65 -11.46
C ALA A 176 8.03 11.24 -10.27
N LYS A 177 6.91 11.96 -10.04
CA LYS A 177 6.11 11.71 -8.84
C LYS A 177 5.24 10.46 -9.00
N VAL A 178 4.62 10.27 -10.17
CA VAL A 178 3.91 9.02 -10.41
C VAL A 178 4.86 7.85 -10.16
N LYS A 179 6.03 7.87 -10.80
CA LYS A 179 7.03 6.82 -10.63
C LYS A 179 7.38 6.61 -9.16
N LYS A 180 7.52 7.72 -8.43
CA LYS A 180 7.81 7.63 -7.00
C LYS A 180 6.76 6.82 -6.27
N THR A 181 5.52 7.32 -6.22
CA THR A 181 4.52 6.67 -5.37
C THR A 181 4.30 5.21 -5.74
N LEU A 182 4.11 4.92 -7.03
CA LEU A 182 3.96 3.53 -7.45
C LEU A 182 5.10 2.63 -6.94
N ALA A 183 6.30 3.18 -6.73
CA ALA A 183 7.41 2.34 -6.28
C ALA A 183 7.17 1.79 -4.88
N LEU A 184 6.44 2.53 -4.03
CA LEU A 184 6.12 2.16 -2.65
C LEU A 184 4.90 1.24 -2.55
N GLU A 185 4.25 0.92 -3.66
CA GLU A 185 3.19 -0.06 -3.65
C GLU A 185 3.76 -1.42 -3.22
N ILE A 186 2.94 -2.20 -2.53
CA ILE A 186 3.43 -3.43 -1.95
C ILE A 186 3.62 -4.53 -3.00
N ILE A 187 3.02 -4.37 -4.19
CA ILE A 187 3.14 -5.40 -5.22
C ILE A 187 4.61 -5.63 -5.59
N ASN A 188 5.45 -4.60 -5.55
CA ASN A 188 6.85 -4.77 -5.86
C ASN A 188 7.74 -4.84 -4.63
N PHE A 189 7.17 -5.15 -3.46
CA PHE A 189 7.98 -5.30 -2.26
C PHE A 189 9.12 -6.28 -2.52
N LYS A 190 10.32 -5.95 -2.04
CA LYS A 190 11.51 -6.79 -2.21
C LYS A 190 11.94 -7.37 -0.88
N GLN A 191 12.21 -8.68 -0.87
CA GLN A 191 12.79 -9.33 0.29
C GLN A 191 14.12 -8.65 0.61
N PRO A 192 14.32 -8.17 1.84
CA PRO A 192 15.48 -7.30 2.10
C PRO A 192 16.84 -7.89 1.73
N GLN A 193 17.05 -9.19 1.90
CA GLN A 193 18.38 -9.71 1.64
C GLN A 193 18.54 -10.14 0.17
N SER A 194 17.75 -11.10 -0.25
CA SER A 194 17.87 -11.74 -1.55
C SER A 194 17.09 -11.03 -2.65
N HIS A 195 16.31 -10.01 -2.31
CA HIS A 195 15.65 -9.12 -3.27
C HIS A 195 14.62 -9.81 -4.16
N GLU A 196 14.08 -10.96 -3.77
CA GLU A 196 13.01 -11.50 -4.58
C GLU A 196 11.71 -10.74 -4.30
N THR A 197 10.78 -10.78 -5.26
CA THR A 197 9.46 -10.22 -5.08
C THR A 197 8.43 -11.33 -4.90
N ALA A 198 7.17 -10.92 -4.66
CA ALA A 198 6.09 -11.90 -4.59
C ALA A 198 6.03 -12.74 -5.84
N LEU A 199 6.39 -12.16 -7.00
CA LEU A 199 6.30 -12.91 -8.23
C LEU A 199 7.32 -14.07 -8.25
N HIS A 200 8.54 -13.83 -7.76
CA HIS A 200 9.50 -14.94 -7.57
C HIS A 200 8.91 -16.00 -6.65
N CYS A 201 8.33 -15.57 -5.53
CA CYS A 201 7.82 -16.52 -4.55
C CYS A 201 6.68 -17.34 -5.14
N ALA A 202 5.85 -16.69 -5.95
CA ALA A 202 4.68 -17.36 -6.52
C ALA A 202 5.06 -18.42 -7.53
N VAL A 203 6.02 -18.13 -8.42
CA VAL A 203 6.36 -19.10 -9.46
C VAL A 203 7.17 -20.26 -8.89
N ALA A 204 7.78 -20.10 -7.73
CA ALA A 204 8.50 -21.17 -7.05
C ALA A 204 7.60 -22.02 -6.14
N SER A 205 6.36 -21.59 -5.94
CA SER A 205 5.47 -22.27 -5.00
C SER A 205 5.23 -23.71 -5.43
N LEU A 206 5.09 -24.58 -4.44
CA LEU A 206 4.67 -25.95 -4.63
C LEU A 206 3.15 -26.13 -4.45
N HIS A 207 2.41 -25.05 -4.20
CA HIS A 207 0.96 -25.20 -3.97
C HIS A 207 0.16 -25.02 -5.26
N PRO A 208 -1.01 -25.66 -5.34
CA PRO A 208 -1.71 -25.79 -6.63
C PRO A 208 -2.36 -24.52 -7.17
N LYS A 209 -2.55 -23.47 -6.37
CA LYS A 209 -3.02 -22.21 -6.92
C LYS A 209 -1.90 -21.32 -7.43
N ARG A 210 -0.68 -21.84 -7.61
CA ARG A 210 0.41 -20.94 -7.97
C ARG A 210 0.16 -20.27 -9.32
N LYS A 211 -0.53 -20.93 -10.24
CA LYS A 211 -0.80 -20.27 -11.52
C LYS A 211 -1.73 -19.08 -11.35
N GLN A 212 -2.79 -19.24 -10.56
CA GLN A 212 -3.74 -18.15 -10.34
C GLN A 212 -3.11 -17.01 -9.53
N VAL A 213 -2.24 -17.34 -8.57
CA VAL A 213 -1.53 -16.28 -7.86
C VAL A 213 -0.62 -15.53 -8.82
N THR A 214 0.12 -16.25 -9.64
CA THR A 214 1.03 -15.62 -10.58
C THR A 214 0.25 -14.67 -11.51
N GLU A 215 -0.87 -15.13 -12.05
CA GLU A 215 -1.69 -14.30 -12.92
CA GLU A 215 -1.65 -14.27 -12.92
C GLU A 215 -2.14 -13.03 -12.19
N LEU A 216 -2.64 -13.20 -10.96
CA LEU A 216 -3.11 -12.07 -10.18
C LEU A 216 -2.01 -11.03 -9.95
N LEU A 217 -0.84 -11.46 -9.44
CA LEU A 217 0.25 -10.52 -9.23
C LEU A 217 0.58 -9.73 -10.48
N LEU A 218 0.63 -10.40 -11.63
CA LEU A 218 0.96 -9.71 -12.87
C LEU A 218 -0.13 -8.72 -13.24
N ARG A 219 -1.40 -9.11 -13.07
CA ARG A 219 -2.50 -8.20 -13.34
C ARG A 219 -2.44 -6.96 -12.45
N LYS A 220 -1.92 -7.11 -11.24
CA LYS A 220 -1.82 -5.98 -10.32
C LYS A 220 -0.52 -5.22 -10.44
N GLY A 221 0.25 -5.43 -11.51
CA GLY A 221 1.41 -4.60 -11.75
C GLY A 221 2.78 -5.19 -11.45
N ALA A 222 2.90 -6.44 -11.01
CA ALA A 222 4.22 -7.00 -10.78
C ALA A 222 5.10 -6.93 -12.02
N ASN A 223 6.36 -6.54 -11.84
CA ASN A 223 7.36 -6.48 -12.92
C ASN A 223 7.73 -7.91 -13.31
N VAL A 224 7.39 -8.30 -14.54
CA VAL A 224 7.53 -9.68 -14.98
C VAL A 224 8.99 -10.08 -15.10
N ASN A 225 9.89 -9.10 -15.22
CA ASN A 225 11.32 -9.32 -15.41
C ASN A 225 12.14 -8.96 -14.17
N GLU A 226 11.50 -8.80 -13.01
CA GLU A 226 12.21 -8.44 -11.79
C GLU A 226 13.39 -9.39 -11.51
N LYS A 227 14.54 -8.82 -11.16
CA LYS A 227 15.74 -9.59 -10.80
C LYS A 227 15.83 -9.72 -9.29
N ASN A 228 16.15 -10.93 -8.80
CA ASN A 228 16.57 -11.08 -7.42
C ASN A 228 18.08 -10.81 -7.32
N LYS A 229 18.69 -11.13 -6.18
CA LYS A 229 20.10 -10.75 -5.98
C LYS A 229 21.03 -11.49 -6.91
N ASP A 230 20.62 -12.67 -7.39
CA ASP A 230 21.38 -13.40 -8.40
C ASP A 230 20.97 -13.02 -9.80
N PHE A 231 20.25 -11.90 -9.96
CA PHE A 231 19.71 -11.47 -11.24
C PHE A 231 18.80 -12.54 -11.86
N MET A 232 18.23 -13.43 -11.06
CA MET A 232 17.28 -14.38 -11.62
C MET A 232 15.93 -13.70 -11.76
N THR A 233 15.28 -13.86 -12.92
CA THR A 233 13.90 -13.46 -13.09
C THR A 233 12.97 -14.57 -12.58
N PRO A 234 11.69 -14.27 -12.45
CA PRO A 234 10.72 -15.36 -12.21
C PRO A 234 10.85 -16.47 -13.24
N LEU A 235 11.09 -16.14 -14.52
CA LEU A 235 11.27 -17.18 -15.53
C LEU A 235 12.41 -18.13 -15.16
N HIS A 236 13.56 -17.59 -14.73
CA HIS A 236 14.68 -18.43 -14.28
C HIS A 236 14.24 -19.36 -13.15
N VAL A 237 13.60 -18.79 -12.13
CA VAL A 237 13.14 -19.57 -10.98
C VAL A 237 12.20 -20.68 -11.44
N ALA A 238 11.22 -20.33 -12.29
CA ALA A 238 10.25 -21.34 -12.75
C ALA A 238 10.92 -22.42 -13.60
N ALA A 239 11.81 -22.01 -14.49
CA ALA A 239 12.43 -22.95 -15.43
C ALA A 239 13.28 -23.99 -14.70
N GLU A 240 14.08 -23.56 -13.72
CA GLU A 240 14.94 -24.54 -13.08
C GLU A 240 14.14 -25.50 -12.21
N ARG A 241 12.89 -25.17 -11.90
CA ARG A 241 12.04 -26.04 -11.13
C ARG A 241 11.03 -26.80 -11.97
N ALA A 242 11.05 -26.59 -13.29
CA ALA A 242 10.06 -27.22 -14.17
C ALA A 242 8.63 -26.86 -13.76
N HIS A 243 8.43 -25.64 -13.26
CA HIS A 243 7.06 -25.13 -13.02
C HIS A 243 6.55 -24.54 -14.32
N ASN A 244 6.18 -25.42 -15.25
CA ASN A 244 5.81 -24.99 -16.59
C ASN A 244 4.52 -24.18 -16.58
N ASP A 245 3.57 -24.48 -15.70
CA ASP A 245 2.28 -23.77 -15.74
C ASP A 245 2.47 -22.26 -15.55
N VAL A 246 3.31 -21.85 -14.60
CA VAL A 246 3.51 -20.41 -14.40
C VAL A 246 4.40 -19.82 -15.48
N MET A 247 5.24 -20.61 -16.14
CA MET A 247 6.06 -20.07 -17.22
C MET A 247 5.18 -19.60 -18.37
N GLU A 248 4.09 -20.32 -18.63
CA GLU A 248 3.17 -19.86 -19.68
C GLU A 248 2.57 -18.50 -19.32
N VAL A 249 2.22 -18.30 -18.04
CA VAL A 249 1.72 -17.00 -17.60
C VAL A 249 2.76 -15.91 -17.82
N LEU A 250 4.00 -16.15 -17.38
CA LEU A 250 5.07 -15.18 -17.58
C LEU A 250 5.23 -14.84 -19.06
N HIS A 251 5.25 -15.86 -19.92
CA HIS A 251 5.35 -15.62 -21.36
C HIS A 251 4.20 -14.74 -21.85
N LYS A 252 2.97 -15.10 -21.49
CA LYS A 252 1.81 -14.32 -21.92
C LYS A 252 1.90 -12.86 -21.48
N HIS A 253 2.59 -12.57 -20.37
CA HIS A 253 2.78 -11.19 -19.96
C HIS A 253 4.10 -10.62 -20.44
N GLY A 254 4.70 -11.22 -21.46
CA GLY A 254 5.86 -10.62 -22.08
C GLY A 254 7.17 -10.77 -21.36
N ALA A 255 7.35 -11.85 -20.58
CA ALA A 255 8.64 -12.08 -19.96
C ALA A 255 9.75 -12.10 -21.02
N LYS A 256 10.88 -11.49 -20.70
CA LYS A 256 12.07 -11.55 -21.56
C LYS A 256 12.71 -12.93 -21.46
N MET A 257 12.55 -13.73 -22.52
CA MET A 257 13.02 -15.11 -22.51
C MET A 257 14.54 -15.21 -22.34
N ASN A 258 15.30 -14.20 -22.79
CA ASN A 258 16.76 -14.28 -22.77
C ASN A 258 17.40 -13.39 -21.71
N ALA A 259 16.66 -13.00 -20.68
CA ALA A 259 17.30 -12.29 -19.58
C ALA A 259 18.41 -13.15 -18.96
N LEU A 260 19.46 -12.48 -18.50
CA LEU A 260 20.66 -13.15 -18.01
C LEU A 260 20.77 -12.99 -16.50
N ASP A 261 21.07 -14.09 -15.82
CA ASP A 261 21.42 -14.00 -14.41
C ASP A 261 22.88 -13.54 -14.29
N THR A 262 23.39 -13.49 -13.07
CA THR A 262 24.74 -12.98 -12.82
C THR A 262 25.83 -13.91 -13.34
N LEU A 263 25.49 -15.11 -13.82
CA LEU A 263 26.43 -15.98 -14.51
C LEU A 263 26.26 -15.88 -16.02
N GLY A 264 25.50 -14.91 -16.49
CA GLY A 264 25.23 -14.81 -17.90
C GLY A 264 24.35 -15.91 -18.45
N GLN A 265 23.61 -16.61 -17.59
CA GLN A 265 22.78 -17.74 -18.02
C GLN A 265 21.35 -17.30 -18.26
N THR A 266 20.73 -17.90 -19.28
CA THR A 266 19.31 -17.73 -19.48
C THR A 266 18.53 -18.73 -18.61
N ALA A 267 17.21 -18.56 -18.61
CA ALA A 267 16.32 -19.57 -18.08
C ALA A 267 16.58 -20.93 -18.73
N LEU A 268 16.94 -20.92 -20.01
CA LEU A 268 17.16 -22.17 -20.72
C LEU A 268 18.43 -22.87 -20.22
N HIS A 269 19.49 -22.12 -19.91
CA HIS A 269 20.65 -22.71 -19.24
C HIS A 269 20.23 -23.47 -18.00
N ARG A 270 19.37 -22.84 -17.18
CA ARG A 270 19.03 -23.46 -15.90
C ARG A 270 18.12 -24.67 -16.11
N ALA A 271 17.19 -24.60 -17.06
CA ALA A 271 16.41 -25.79 -17.37
C ALA A 271 17.30 -26.92 -17.86
N ALA A 272 18.26 -26.61 -18.74
CA ALA A 272 19.15 -27.64 -19.29
C ALA A 272 20.04 -28.24 -18.19
N LEU A 273 20.54 -27.39 -17.31
CA LEU A 273 21.37 -27.87 -16.22
C LEU A 273 20.59 -28.81 -15.30
N ALA A 274 19.33 -28.49 -15.01
CA ALA A 274 18.52 -29.38 -14.20
C ALA A 274 18.00 -30.59 -14.98
N GLY A 275 18.19 -30.62 -16.30
CA GLY A 275 17.74 -31.74 -17.10
C GLY A 275 16.26 -31.83 -17.37
N HIS A 276 15.52 -30.71 -17.28
CA HIS A 276 14.07 -30.70 -17.49
C HIS A 276 13.75 -30.63 -18.98
N LEU A 277 13.47 -31.78 -19.58
CA LEU A 277 13.36 -31.85 -21.04
C LEU A 277 12.17 -31.05 -21.57
N GLN A 278 10.96 -31.31 -21.05
CA GLN A 278 9.80 -30.57 -21.58
C GLN A 278 9.93 -29.08 -21.31
N THR A 279 10.47 -28.71 -20.15
CA THR A 279 10.70 -27.29 -19.88
C THR A 279 11.59 -26.67 -20.97
N CYS A 280 12.70 -27.33 -21.29
CA CYS A 280 13.56 -26.85 -22.36
C CYS A 280 12.77 -26.64 -23.63
N ARG A 281 11.96 -27.64 -23.99
CA ARG A 281 11.14 -27.53 -25.19
C ARG A 281 10.19 -26.35 -25.12
N LEU A 282 9.51 -26.17 -23.99
CA LEU A 282 8.61 -25.03 -23.86
C LEU A 282 9.36 -23.71 -24.04
N LEU A 283 10.53 -23.60 -23.41
CA LEU A 283 11.32 -22.38 -23.52
C LEU A 283 11.74 -22.10 -24.96
N LEU A 284 12.13 -23.13 -25.70
CA LEU A 284 12.50 -22.93 -27.09
C LEU A 284 11.32 -22.42 -27.90
N SER A 285 10.14 -23.01 -27.69
CA SER A 285 8.95 -22.57 -28.42
C SER A 285 8.55 -21.14 -28.09
N TYR A 286 8.98 -20.61 -26.94
CA TYR A 286 8.73 -19.24 -26.53
C TYR A 286 9.77 -18.27 -27.04
N GLY A 287 10.78 -18.77 -27.75
CA GLY A 287 11.81 -17.94 -28.30
C GLY A 287 13.08 -17.84 -27.51
N SER A 288 13.35 -18.77 -26.59
CA SER A 288 14.66 -18.79 -25.98
C SER A 288 15.72 -19.03 -27.05
N ASP A 289 16.82 -18.32 -26.92
CA ASP A 289 17.92 -18.40 -27.87
C ASP A 289 18.92 -19.41 -27.35
N PRO A 290 19.02 -20.60 -27.95
CA PRO A 290 19.95 -21.62 -27.44
C PRO A 290 21.41 -21.29 -27.65
N SER A 291 21.74 -20.25 -28.42
CA SER A 291 23.12 -19.97 -28.78
C SER A 291 23.85 -19.14 -27.75
N ILE A 292 23.15 -18.61 -26.75
CA ILE A 292 23.76 -17.67 -25.82
C ILE A 292 24.80 -18.38 -24.97
N ILE A 293 25.97 -17.76 -24.84
CA ILE A 293 27.08 -18.32 -24.07
C ILE A 293 27.13 -17.63 -22.72
N SER A 294 27.18 -18.42 -21.65
CA SER A 294 27.30 -17.87 -20.31
C SER A 294 28.70 -17.30 -20.08
N LEU A 295 28.84 -16.53 -19.00
CA LEU A 295 30.12 -15.92 -18.68
C LEU A 295 31.20 -16.97 -18.43
N GLN A 296 30.82 -18.18 -18.03
CA GLN A 296 31.78 -19.27 -17.85
C GLN A 296 32.10 -19.98 -19.17
N GLY A 297 31.47 -19.60 -20.26
CA GLY A 297 31.82 -20.09 -21.57
C GLY A 297 30.91 -21.15 -22.17
N PHE A 298 29.71 -21.37 -21.62
CA PHE A 298 28.90 -22.53 -21.98
C PHE A 298 27.58 -22.13 -22.63
N THR A 299 27.21 -22.83 -23.69
CA THR A 299 25.82 -22.83 -24.11
C THR A 299 24.99 -23.74 -23.19
N ALA A 300 23.68 -23.66 -23.34
CA ALA A 300 22.79 -24.59 -22.63
C ALA A 300 23.10 -26.04 -22.99
N ALA A 301 23.23 -26.34 -24.29
CA ALA A 301 23.50 -27.72 -24.71
C ALA A 301 24.79 -28.24 -24.09
N GLN A 302 25.80 -27.37 -23.95
CA GLN A 302 27.07 -27.80 -23.38
C GLN A 302 26.98 -28.08 -21.89
N MET A 303 25.87 -27.75 -21.24
CA MET A 303 25.70 -28.06 -19.82
C MET A 303 24.76 -29.24 -19.60
N GLY A 304 24.09 -29.72 -20.64
CA GLY A 304 23.03 -30.69 -20.47
C GLY A 304 23.44 -32.08 -20.87
N ASN A 305 22.58 -33.04 -20.50
CA ASN A 305 22.82 -34.44 -20.85
C ASN A 305 22.44 -34.64 -22.31
N GLU A 306 22.47 -35.90 -22.75
CA GLU A 306 22.21 -36.19 -24.15
C GLU A 306 20.77 -35.85 -24.53
N ALA A 307 19.83 -36.25 -23.68
CA ALA A 307 18.42 -35.94 -23.95
C ALA A 307 18.18 -34.43 -24.05
N VAL A 308 18.84 -33.65 -23.20
CA VAL A 308 18.75 -32.20 -23.32
C VAL A 308 19.36 -31.72 -24.63
N GLN A 309 20.55 -32.22 -24.97
CA GLN A 309 21.17 -31.85 -26.24
C GLN A 309 20.29 -32.23 -27.42
N GLN A 310 19.58 -33.36 -27.32
CA GLN A 310 18.67 -33.74 -28.38
C GLN A 310 17.53 -32.74 -28.53
N ILE A 311 16.90 -32.36 -27.40
CA ILE A 311 15.79 -31.41 -27.44
C ILE A 311 16.22 -30.13 -28.13
N LEU A 312 17.39 -29.59 -27.74
CA LEU A 312 17.85 -28.35 -28.35
C LEU A 312 18.17 -28.52 -29.82
N SER A 313 18.48 -29.74 -30.24
CA SER A 313 18.72 -30.01 -31.66
C SER A 313 17.42 -30.21 -32.44
N GLU A 314 16.40 -30.77 -31.80
CA GLU A 314 15.12 -31.04 -32.45
C GLU A 314 14.39 -29.73 -32.76
N LYS B 8 29.96 -25.51 39.27
CA LYS B 8 30.20 -25.94 37.90
C LYS B 8 29.46 -25.05 36.91
N LYS B 9 28.14 -24.99 37.01
CA LYS B 9 27.37 -24.22 36.04
C LYS B 9 27.74 -22.74 36.11
N ASP B 10 28.04 -22.23 37.30
CA ASP B 10 28.53 -20.86 37.40
C ASP B 10 29.74 -20.62 36.50
N GLU B 11 30.64 -21.60 36.40
CA GLU B 11 31.77 -21.45 35.49
C GLU B 11 31.32 -21.49 34.03
N LEU B 12 30.33 -22.33 33.72
CA LEU B 12 29.79 -22.40 32.36
C LEU B 12 29.16 -21.06 31.96
N LEU B 13 28.24 -20.56 32.79
CA LEU B 13 27.60 -19.27 32.54
C LEU B 13 28.65 -18.17 32.34
N GLU B 14 29.69 -18.19 33.18
CA GLU B 14 30.75 -17.18 33.09
C GLU B 14 31.41 -17.23 31.72
N ALA B 15 31.70 -18.43 31.23
CA ALA B 15 32.32 -18.55 29.92
C ALA B 15 31.35 -18.10 28.83
N ALA B 16 30.06 -18.37 29.00
CA ALA B 16 29.06 -17.95 28.00
C ALA B 16 29.00 -16.44 27.92
N ARG B 17 28.91 -15.77 29.06
CA ARG B 17 28.81 -14.30 29.07
C ARG B 17 30.07 -13.65 28.51
N SER B 18 31.25 -14.21 28.79
CA SER B 18 32.51 -13.56 28.43
C SER B 18 32.99 -13.92 27.03
N GLY B 19 32.45 -14.97 26.42
CA GLY B 19 32.87 -15.36 25.09
C GLY B 19 34.01 -16.34 25.06
N ASN B 20 34.29 -17.01 26.16
CA ASN B 20 35.45 -17.90 26.30
C ASN B 20 35.12 -19.27 25.71
N GLU B 21 35.43 -19.44 24.43
CA GLU B 21 35.11 -20.67 23.72
C GLU B 21 35.77 -21.89 24.37
N GLU B 22 37.09 -21.82 24.60
CA GLU B 22 37.80 -22.98 25.11
C GLU B 22 37.24 -23.41 26.46
N LYS B 23 37.02 -22.46 27.36
CA LYS B 23 36.44 -22.79 28.66
C LYS B 23 35.04 -23.37 28.51
N LEU B 24 34.20 -22.75 27.68
CA LEU B 24 32.83 -23.22 27.50
C LEU B 24 32.79 -24.69 27.11
N MET B 25 33.56 -25.08 26.09
CA MET B 25 33.59 -26.44 25.58
C MET B 25 34.31 -27.42 26.50
N ALA B 26 35.06 -26.92 27.48
CA ALA B 26 35.59 -27.81 28.52
C ALA B 26 34.57 -28.06 29.63
N LEU B 27 33.68 -27.09 29.88
CA LEU B 27 32.69 -27.19 30.94
C LEU B 27 31.35 -27.73 30.47
N LEU B 28 31.05 -27.63 29.18
CA LEU B 28 29.72 -27.92 28.65
C LEU B 28 29.49 -29.42 28.53
N THR B 29 28.44 -29.93 29.14
CA THR B 29 28.03 -31.32 29.01
C THR B 29 26.54 -31.42 28.80
N PRO B 30 26.02 -32.61 28.50
CA PRO B 30 24.57 -32.80 28.37
C PRO B 30 23.81 -32.41 29.63
N LEU B 31 24.47 -32.38 30.79
CA LEU B 31 23.78 -32.16 32.04
C LEU B 31 23.64 -30.71 32.42
N ASN B 32 24.41 -29.82 31.78
CA ASN B 32 24.36 -28.40 32.11
C ASN B 32 24.12 -27.48 30.92
N VAL B 33 23.95 -28.01 29.70
CA VAL B 33 23.84 -27.14 28.52
C VAL B 33 22.65 -26.21 28.67
N ASN B 34 21.58 -26.68 29.30
CA ASN B 34 20.37 -25.90 29.52
C ASN B 34 20.18 -25.53 30.99
N CYS B 35 21.29 -25.38 31.73
CA CYS B 35 21.23 -24.94 33.12
C CYS B 35 20.83 -23.48 33.23
N HIS B 36 20.19 -23.14 34.34
CA HIS B 36 19.80 -21.77 34.66
C HIS B 36 20.67 -21.24 35.79
N ALA B 37 20.91 -19.93 35.78
CA ALA B 37 21.62 -19.32 36.90
C ALA B 37 20.76 -19.35 38.15
N SER B 38 21.43 -19.32 39.31
CA SER B 38 20.74 -19.40 40.60
C SER B 38 20.17 -18.07 41.03
N ASP B 39 20.81 -16.97 40.67
CA ASP B 39 20.37 -15.63 41.04
C ASP B 39 20.14 -14.77 39.79
N GLY B 40 19.80 -13.51 40.02
CA GLY B 40 19.60 -12.59 38.90
C GLY B 40 18.39 -12.99 38.06
N ARG B 41 18.55 -12.91 36.75
CA ARG B 41 17.48 -13.28 35.83
C ARG B 41 17.35 -14.78 35.63
N LYS B 42 18.28 -15.59 36.15
CA LYS B 42 18.21 -17.04 36.03
C LYS B 42 18.36 -17.49 34.57
N SER B 43 19.27 -16.85 33.85
CA SER B 43 19.45 -17.08 32.43
C SER B 43 20.17 -18.39 32.18
N THR B 44 19.96 -18.95 31.00
CA THR B 44 20.75 -20.06 30.53
C THR B 44 22.01 -19.54 29.85
N PRO B 45 22.98 -20.41 29.61
CA PRO B 45 24.13 -20.00 28.79
C PRO B 45 23.70 -19.33 27.49
N LEU B 46 22.66 -19.84 26.84
CA LEU B 46 22.24 -19.30 25.54
C LEU B 46 21.67 -17.90 25.66
N HIS B 47 20.88 -17.63 26.72
CA HIS B 47 20.47 -16.26 26.98
C HIS B 47 21.68 -15.33 27.05
N LEU B 48 22.69 -15.74 27.82
CA LEU B 48 23.82 -14.87 28.10
C LEU B 48 24.66 -14.68 26.86
N ALA B 49 24.94 -15.78 26.14
CA ALA B 49 25.68 -15.64 24.89
C ALA B 49 24.93 -14.73 23.93
N ALA B 50 23.60 -14.83 23.92
CA ALA B 50 22.82 -14.05 22.96
C ALA B 50 22.87 -12.56 23.31
N GLY B 51 22.58 -12.23 24.56
CA GLY B 51 22.52 -10.83 24.97
C GLY B 51 23.86 -10.12 24.95
N TYR B 52 24.95 -10.85 25.16
CA TYR B 52 26.30 -10.30 25.13
C TYR B 52 27.00 -10.53 23.80
N ASN B 53 26.26 -11.00 22.79
CA ASN B 53 26.72 -11.01 21.40
C ASN B 53 27.92 -11.94 21.18
N ARG B 54 27.91 -13.11 21.81
CA ARG B 54 28.96 -14.11 21.60
C ARG B 54 28.53 -15.05 20.48
N VAL B 55 28.69 -14.57 19.25
CA VAL B 55 28.18 -15.34 18.11
C VAL B 55 28.71 -16.76 18.13
N ARG B 56 30.02 -16.92 18.37
CA ARG B 56 30.60 -18.26 18.33
C ARG B 56 30.10 -19.12 19.48
N ILE B 57 29.90 -18.53 20.66
CA ILE B 57 29.30 -19.29 21.75
C ILE B 57 27.86 -19.69 21.41
N VAL B 58 27.07 -18.76 20.86
CA VAL B 58 25.69 -19.09 20.49
C VAL B 58 25.68 -20.27 19.55
N GLN B 59 26.58 -20.25 18.58
CA GLN B 59 26.66 -21.34 17.61
C GLN B 59 27.05 -22.66 18.27
N LEU B 60 28.01 -22.63 19.19
CA LEU B 60 28.43 -23.87 19.84
C LEU B 60 27.30 -24.47 20.67
N LEU B 61 26.62 -23.62 21.44
CA LEU B 61 25.52 -24.07 22.28
C LEU B 61 24.41 -24.73 21.46
N LEU B 62 24.03 -24.10 20.35
CA LEU B 62 22.97 -24.67 19.51
C LEU B 62 23.39 -26.02 18.92
N GLN B 63 24.64 -26.11 18.46
CA GLN B 63 25.11 -27.38 17.92
C GLN B 63 25.20 -28.48 18.96
N HIS B 64 25.24 -28.13 20.25
CA HIS B 64 25.39 -29.11 21.31
C HIS B 64 24.17 -29.17 22.21
N GLY B 65 22.99 -28.94 21.62
CA GLY B 65 21.74 -29.27 22.25
C GLY B 65 21.09 -28.18 23.07
N ALA B 66 21.58 -26.95 23.00
CA ALA B 66 20.96 -25.91 23.80
C ALA B 66 19.52 -25.70 23.33
N ASP B 67 18.65 -25.39 24.28
CA ASP B 67 17.23 -25.22 24.03
C ASP B 67 16.97 -23.78 23.61
N VAL B 68 16.68 -23.57 22.34
CA VAL B 68 16.38 -22.24 21.84
C VAL B 68 15.13 -21.65 22.49
N HIS B 69 14.26 -22.48 23.06
CA HIS B 69 13.02 -22.03 23.67
C HIS B 69 13.09 -21.86 25.18
N ALA B 70 14.26 -22.06 25.79
CA ALA B 70 14.38 -21.94 27.24
C ALA B 70 14.03 -20.53 27.72
N LYS B 71 13.46 -20.44 28.91
CA LYS B 71 13.02 -19.17 29.47
C LYS B 71 13.87 -18.79 30.67
N ASP B 72 13.91 -17.49 30.93
CA ASP B 72 14.53 -16.96 32.14
C ASP B 72 13.43 -16.52 33.11
N LYS B 73 13.85 -15.84 34.17
CA LYS B 73 12.94 -15.51 35.27
C LYS B 73 11.73 -14.71 34.78
N GLY B 74 11.88 -13.91 33.73
CA GLY B 74 10.80 -13.09 33.23
C GLY B 74 10.10 -13.62 31.98
N GLY B 75 10.34 -14.88 31.61
CA GLY B 75 9.76 -15.43 30.42
C GLY B 75 10.46 -15.09 29.13
N LEU B 76 11.57 -14.33 29.18
CA LEU B 76 12.37 -14.10 28.00
C LEU B 76 12.93 -15.41 27.45
N VAL B 77 12.99 -15.52 26.13
CA VAL B 77 13.74 -16.56 25.43
C VAL B 77 14.97 -15.87 24.87
N PRO B 78 16.04 -16.59 24.52
CA PRO B 78 17.27 -15.90 24.13
C PRO B 78 17.08 -14.93 22.96
N LEU B 79 16.08 -15.18 22.12
CA LEU B 79 15.80 -14.23 21.04
C LEU B 79 15.49 -12.85 21.60
N HIS B 80 14.73 -12.76 22.70
CA HIS B 80 14.51 -11.44 23.31
C HIS B 80 15.84 -10.74 23.55
N ASN B 81 16.78 -11.42 24.23
CA ASN B 81 18.06 -10.82 24.58
C ASN B 81 18.82 -10.35 23.34
N ALA B 82 18.92 -11.22 22.33
CA ALA B 82 19.57 -10.85 21.08
C ALA B 82 18.92 -9.62 20.46
N CYS B 83 17.59 -9.55 20.45
CA CYS B 83 16.93 -8.46 19.75
C CYS B 83 17.02 -7.16 20.52
N SER B 84 16.82 -7.22 21.84
CA SER B 84 16.88 -6.00 22.65
C SER B 84 18.19 -5.25 22.43
N TYR B 85 19.30 -5.98 22.30
CA TYR B 85 20.61 -5.36 22.16
C TYR B 85 21.08 -5.29 20.71
N GLY B 86 20.20 -5.58 19.76
CA GLY B 86 20.52 -5.39 18.36
C GLY B 86 21.61 -6.28 17.82
N HIS B 87 21.74 -7.50 18.34
CA HIS B 87 22.76 -8.40 17.82
C HIS B 87 22.16 -9.15 16.65
N TYR B 88 22.50 -8.70 15.44
CA TYR B 88 21.88 -9.19 14.21
C TYR B 88 22.27 -10.64 13.92
N GLU B 89 23.57 -10.90 13.88
CA GLU B 89 24.01 -12.23 13.50
C GLU B 89 23.52 -13.29 14.50
N VAL B 90 23.45 -12.93 15.79
CA VAL B 90 22.88 -13.83 16.80
C VAL B 90 21.40 -14.10 16.51
N THR B 91 20.64 -13.04 16.30
CA THR B 91 19.21 -13.18 16.00
C THR B 91 19.01 -14.13 14.82
N GLU B 92 19.82 -13.97 13.76
CA GLU B 92 19.63 -14.81 12.59
C GLU B 92 19.93 -16.27 12.92
N LEU B 93 20.95 -16.51 13.74
CA LEU B 93 21.29 -17.88 14.13
C LEU B 93 20.17 -18.51 14.96
N LEU B 94 19.64 -17.75 15.93
CA LEU B 94 18.51 -18.23 16.72
C LEU B 94 17.31 -18.58 15.83
N LEU B 95 16.96 -17.68 14.90
CA LEU B 95 15.81 -17.95 14.04
C LEU B 95 16.06 -19.16 13.17
N LYS B 96 17.28 -19.30 12.66
CA LYS B 96 17.63 -20.45 11.84
C LYS B 96 17.51 -21.75 12.61
N HIS B 97 17.65 -21.71 13.93
CA HIS B 97 17.51 -22.91 14.74
C HIS B 97 16.14 -23.01 15.39
N GLY B 98 15.13 -22.31 14.87
CA GLY B 98 13.76 -22.56 15.27
C GLY B 98 13.21 -21.67 16.36
N ALA B 99 13.90 -20.59 16.71
CA ALA B 99 13.33 -19.65 17.67
C ALA B 99 11.98 -19.16 17.16
N CYS B 100 11.03 -19.00 18.09
CA CYS B 100 9.70 -18.50 17.78
C CYS B 100 9.75 -16.99 17.67
N VAL B 101 9.49 -16.48 16.46
CA VAL B 101 9.71 -15.08 16.16
C VAL B 101 8.82 -14.17 17.02
N ASN B 102 7.62 -14.63 17.39
CA ASN B 102 6.72 -13.81 18.20
C ASN B 102 6.61 -14.31 19.64
N ALA B 103 7.68 -14.90 20.18
CA ALA B 103 7.64 -15.40 21.54
C ALA B 103 7.33 -14.29 22.53
N MET B 104 6.57 -14.62 23.56
CA MET B 104 6.08 -13.64 24.51
C MET B 104 6.59 -13.96 25.91
N ASP B 105 7.09 -12.94 26.60
CA ASP B 105 7.52 -13.12 27.99
C ASP B 105 6.30 -12.95 28.90
N LEU B 106 6.55 -12.87 30.20
CA LEU B 106 5.44 -12.81 31.16
C LEU B 106 4.61 -11.54 31.00
N TRP B 107 5.17 -10.50 30.37
CA TRP B 107 4.45 -9.26 30.14
C TRP B 107 3.93 -9.12 28.71
N GLN B 108 3.99 -10.19 27.92
CA GLN B 108 3.51 -10.18 26.55
C GLN B 108 4.34 -9.27 25.64
N PHE B 109 5.61 -9.07 25.98
CA PHE B 109 6.55 -8.44 25.06
C PHE B 109 7.09 -9.51 24.11
N THR B 110 7.10 -9.20 22.81
CA THR B 110 7.72 -10.02 21.78
C THR B 110 9.12 -9.54 21.47
N PRO B 111 9.91 -10.32 20.75
CA PRO B 111 11.24 -9.83 20.33
C PRO B 111 11.17 -8.59 19.47
N LEU B 112 10.10 -8.44 18.67
CA LEU B 112 9.97 -7.22 17.89
C LEU B 112 9.67 -6.01 18.77
N HIS B 113 8.89 -6.20 19.84
CA HIS B 113 8.77 -5.17 20.86
C HIS B 113 10.15 -4.69 21.31
N GLU B 114 11.02 -5.63 21.68
CA GLU B 114 12.36 -5.28 22.17
C GLU B 114 13.14 -4.53 21.11
N ALA B 115 13.26 -5.11 19.92
CA ALA B 115 14.02 -4.46 18.85
C ALA B 115 13.44 -3.09 18.51
N ALA B 116 12.12 -2.99 18.42
CA ALA B 116 11.52 -1.73 17.96
C ALA B 116 11.68 -0.64 19.02
N SER B 117 11.50 -0.98 20.30
CA SER B 117 11.61 0.04 21.34
C SER B 117 13.04 0.57 21.46
N LYS B 118 14.05 -0.25 21.18
CA LYS B 118 15.43 0.19 21.21
C LYS B 118 15.94 0.63 19.85
N ASN B 119 15.04 0.82 18.88
CA ASN B 119 15.41 1.38 17.57
C ASN B 119 16.43 0.51 16.84
N ARG B 120 16.35 -0.82 17.03
CA ARG B 120 17.24 -1.78 16.37
C ARG B 120 16.68 -2.06 14.98
N VAL B 121 17.03 -1.18 14.03
CA VAL B 121 16.28 -1.09 12.78
C VAL B 121 16.52 -2.33 11.92
N GLU B 122 17.78 -2.75 11.79
CA GLU B 122 18.09 -3.95 11.02
C GLU B 122 17.47 -5.19 11.65
N VAL B 123 17.53 -5.30 12.97
CA VAL B 123 16.94 -6.46 13.64
C VAL B 123 15.43 -6.48 13.41
N CYS B 124 14.79 -5.31 13.44
CA CYS B 124 13.36 -5.24 13.13
C CYS B 124 13.06 -5.82 11.75
N SER B 125 13.81 -5.39 10.72
CA SER B 125 13.60 -5.95 9.38
C SER B 125 13.86 -7.45 9.32
N LEU B 126 14.93 -7.92 9.97
CA LEU B 126 15.19 -9.36 10.03
C LEU B 126 14.00 -10.09 10.62
N LEU B 127 13.52 -9.61 11.79
CA LEU B 127 12.38 -10.25 12.43
C LEU B 127 11.15 -10.26 11.51
N LEU B 128 10.87 -9.14 10.84
CA LEU B 128 9.69 -9.08 10.00
C LEU B 128 9.80 -10.08 8.84
N SER B 129 10.99 -10.22 8.27
CA SER B 129 11.21 -11.20 7.21
C SER B 129 11.03 -12.65 7.67
N HIS B 130 11.01 -12.89 8.99
CA HIS B 130 10.69 -14.21 9.53
C HIS B 130 9.29 -14.27 10.13
N GLY B 131 8.42 -13.34 9.77
CA GLY B 131 7.03 -13.39 10.20
C GLY B 131 6.73 -12.74 11.53
N ALA B 132 7.59 -11.86 12.03
CA ALA B 132 7.24 -11.13 13.24
C ALA B 132 6.02 -10.26 12.99
N ASP B 133 5.14 -10.19 13.98
CA ASP B 133 3.90 -9.45 13.82
C ASP B 133 3.95 -8.16 14.62
N PRO B 134 4.00 -7.00 14.00
CA PRO B 134 4.10 -5.74 14.75
C PRO B 134 2.77 -5.21 15.25
N THR B 135 1.68 -5.98 15.18
CA THR B 135 0.40 -5.54 15.73
C THR B 135 0.05 -6.22 17.05
N LEU B 136 0.79 -7.27 17.43
CA LEU B 136 0.56 -7.93 18.71
C LEU B 136 0.78 -6.94 19.86
N VAL B 137 -0.15 -6.93 20.83
CA VAL B 137 -0.10 -5.98 21.93
C VAL B 137 0.43 -6.68 23.18
N ASN B 138 1.27 -5.97 23.93
CA ASN B 138 1.76 -6.48 25.21
C ASN B 138 0.72 -6.20 26.29
N CYS B 139 1.12 -6.35 27.56
CA CYS B 139 0.18 -6.21 28.66
C CYS B 139 -0.31 -4.77 28.82
N HIS B 140 0.43 -3.79 28.28
CA HIS B 140 0.01 -2.41 28.28
C HIS B 140 -0.84 -2.05 27.06
N GLY B 141 -1.31 -3.04 26.30
CA GLY B 141 -2.04 -2.78 25.06
C GLY B 141 -1.22 -2.11 23.98
N LYS B 142 0.12 -2.16 24.09
CA LYS B 142 1.04 -1.49 23.18
C LYS B 142 1.71 -2.49 22.24
N SER B 143 1.70 -2.17 20.95
CA SER B 143 2.33 -2.96 19.91
C SER B 143 3.77 -2.48 19.66
N ALA B 144 4.49 -3.24 18.84
CA ALA B 144 5.84 -2.84 18.42
C ALA B 144 5.80 -1.52 17.67
N VAL B 145 4.76 -1.31 16.86
CA VAL B 145 4.58 -0.02 16.19
C VAL B 145 4.46 1.10 17.22
N ASP B 146 3.69 0.85 18.29
CA ASP B 146 3.53 1.86 19.32
C ASP B 146 4.85 2.22 19.96
N MET B 147 5.73 1.24 20.11
CA MET B 147 6.98 1.45 20.82
C MET B 147 8.10 1.97 19.91
N ALA B 148 7.92 1.91 18.60
CA ALA B 148 8.95 2.39 17.70
C ALA B 148 9.17 3.88 17.94
N PRO B 149 10.42 4.33 18.16
CA PRO B 149 10.64 5.71 18.59
C PRO B 149 10.56 6.76 17.49
N THR B 150 10.65 6.40 16.21
CA THR B 150 10.55 7.33 15.10
C THR B 150 9.37 6.99 14.21
N PRO B 151 8.80 7.98 13.50
CA PRO B 151 7.80 7.66 12.48
C PRO B 151 8.40 6.94 11.29
N GLU B 152 9.68 7.14 10.99
CA GLU B 152 10.34 6.34 9.96
C GLU B 152 10.26 4.87 10.30
N LEU B 153 10.56 4.52 11.55
CA LEU B 153 10.56 3.11 11.93
C LEU B 153 9.15 2.56 12.01
N ARG B 154 8.21 3.35 12.54
CA ARG B 154 6.82 2.90 12.58
C ARG B 154 6.32 2.59 11.18
N GLU B 155 6.74 3.38 10.19
CA GLU B 155 6.33 3.16 8.82
C GLU B 155 6.97 1.91 8.23
N ARG B 156 8.26 1.67 8.56
CA ARG B 156 8.95 0.50 8.04
C ARG B 156 8.37 -0.78 8.61
N LEU B 157 8.07 -0.79 9.92
CA LEU B 157 7.40 -1.96 10.50
C LEU B 157 6.14 -2.34 9.73
N THR B 158 5.27 -1.35 9.50
CA THR B 158 4.01 -1.61 8.78
C THR B 158 4.26 -2.07 7.35
N TYR B 159 5.14 -1.36 6.64
CA TYR B 159 5.40 -1.67 5.24
C TYR B 159 6.03 -3.05 5.09
N GLU B 160 7.07 -3.34 5.88
CA GLU B 160 7.73 -4.63 5.76
C GLU B 160 6.87 -5.77 6.29
N PHE B 161 5.99 -5.49 7.26
CA PHE B 161 5.05 -6.53 7.68
C PHE B 161 4.12 -6.90 6.53
N LYS B 162 3.51 -5.90 5.90
CA LYS B 162 2.65 -6.17 4.75
C LYS B 162 3.43 -6.85 3.64
N GLY B 163 4.65 -6.38 3.39
CA GLY B 163 5.48 -6.98 2.36
C GLY B 163 5.77 -8.45 2.62
N HIS B 164 6.14 -8.78 3.86
CA HIS B 164 6.37 -10.20 4.16
C HIS B 164 5.06 -10.98 4.11
N SER B 165 3.95 -10.37 4.54
CA SER B 165 2.67 -11.06 4.42
C SER B 165 2.41 -11.47 2.98
N LEU B 166 2.79 -10.60 2.03
CA LEU B 166 2.54 -10.86 0.61
C LEU B 166 3.46 -11.95 0.07
N LEU B 167 4.76 -11.82 0.30
CA LEU B 167 5.70 -12.86 -0.14
C LEU B 167 5.30 -14.23 0.38
N GLN B 168 4.96 -14.31 1.67
CA GLN B 168 4.65 -15.60 2.26
C GLN B 168 3.35 -16.17 1.68
N ALA B 169 2.34 -15.33 1.47
CA ALA B 169 1.13 -15.81 0.81
C ALA B 169 1.43 -16.25 -0.62
N ALA B 170 2.33 -15.55 -1.31
CA ALA B 170 2.77 -15.99 -2.63
C ALA B 170 3.47 -17.35 -2.56
N ARG B 171 4.40 -17.52 -1.61
CA ARG B 171 5.04 -18.82 -1.41
C ARG B 171 4.01 -19.92 -1.21
N GLU B 172 2.96 -19.64 -0.45
CA GLU B 172 1.95 -20.65 -0.11
C GLU B 172 0.83 -20.74 -1.14
N ALA B 173 0.92 -19.98 -2.23
CA ALA B 173 -0.18 -19.83 -3.18
C ALA B 173 -1.52 -19.69 -2.45
N ASP B 174 -1.52 -18.83 -1.43
CA ASP B 174 -2.74 -18.51 -0.69
C ASP B 174 -3.44 -17.36 -1.42
N LEU B 175 -4.27 -17.72 -2.38
CA LEU B 175 -4.90 -16.71 -3.23
C LEU B 175 -5.69 -15.69 -2.42
N ALA B 176 -6.47 -16.15 -1.44
CA ALA B 176 -7.27 -15.20 -0.67
C ALA B 176 -6.39 -14.23 0.10
N LYS B 177 -5.26 -14.72 0.60
CA LYS B 177 -4.39 -13.87 1.40
C LYS B 177 -3.63 -12.89 0.51
N VAL B 178 -3.25 -13.31 -0.69
CA VAL B 178 -2.65 -12.37 -1.64
C VAL B 178 -3.64 -11.24 -1.97
N LYS B 179 -4.90 -11.57 -2.25
CA LYS B 179 -5.88 -10.53 -2.57
C LYS B 179 -6.07 -9.57 -1.40
N LYS B 180 -6.16 -10.10 -0.19
CA LYS B 180 -6.37 -9.22 0.96
C LYS B 180 -5.20 -8.25 1.11
N THR B 181 -3.97 -8.73 0.93
CA THR B 181 -2.78 -7.91 1.12
C THR B 181 -2.66 -6.84 0.05
N LEU B 182 -3.26 -7.08 -1.12
CA LEU B 182 -3.23 -6.12 -2.20
C LEU B 182 -4.48 -5.22 -2.24
N ALA B 183 -5.34 -5.30 -1.22
CA ALA B 183 -6.62 -4.60 -1.31
C ALA B 183 -6.47 -3.09 -1.36
N LEU B 184 -5.39 -2.55 -0.80
CA LEU B 184 -5.16 -1.11 -0.73
C LEU B 184 -4.13 -0.61 -1.73
N GLU B 185 -3.93 -1.29 -2.85
CA GLU B 185 -3.07 -0.74 -3.90
C GLU B 185 -3.79 0.46 -4.54
N ILE B 186 -3.02 1.48 -4.93
CA ILE B 186 -3.65 2.74 -5.40
C ILE B 186 -3.64 2.92 -6.92
N ILE B 187 -3.01 2.02 -7.68
CA ILE B 187 -2.87 2.26 -9.12
C ILE B 187 -4.25 2.48 -9.76
N ASN B 188 -5.29 1.79 -9.26
CA ASN B 188 -6.64 1.97 -9.79
C ASN B 188 -7.57 2.64 -8.79
N PHE B 189 -7.03 3.46 -7.89
CA PHE B 189 -7.84 4.28 -7.01
C PHE B 189 -8.82 5.14 -7.83
N LYS B 190 -10.07 5.23 -7.33
CA LYS B 190 -11.14 5.94 -8.04
C LYS B 190 -11.42 7.30 -7.39
N GLN B 191 -11.39 8.35 -8.20
CA GLN B 191 -11.97 9.63 -7.82
C GLN B 191 -13.41 9.39 -7.38
N PRO B 192 -13.77 9.57 -6.11
CA PRO B 192 -15.10 9.10 -5.65
C PRO B 192 -16.31 9.65 -6.44
N GLN B 193 -16.27 10.88 -6.94
CA GLN B 193 -17.43 11.37 -7.67
C GLN B 193 -17.47 10.83 -9.10
N SER B 194 -16.41 11.08 -9.87
CA SER B 194 -16.41 10.77 -11.29
C SER B 194 -16.07 9.31 -11.59
N HIS B 195 -15.60 8.53 -10.59
CA HIS B 195 -15.09 7.19 -10.81
C HIS B 195 -13.91 7.17 -11.79
N GLU B 196 -13.21 8.28 -11.97
CA GLU B 196 -12.04 8.26 -12.84
C GLU B 196 -10.79 7.80 -12.09
N THR B 197 -9.88 7.20 -12.83
CA THR B 197 -8.59 6.76 -12.29
C THR B 197 -7.47 7.65 -12.80
N ALA B 198 -6.26 7.36 -12.34
CA ALA B 198 -5.08 8.08 -12.82
C ALA B 198 -4.90 7.94 -14.32
N LEU B 199 -5.31 6.80 -14.89
CA LEU B 199 -5.21 6.64 -16.34
C LEU B 199 -6.11 7.63 -17.08
N HIS B 200 -7.37 7.81 -16.63
CA HIS B 200 -8.21 8.87 -17.20
C HIS B 200 -7.51 10.22 -17.15
N CYS B 201 -6.96 10.57 -15.98
CA CYS B 201 -6.31 11.87 -15.82
C CYS B 201 -5.10 11.99 -16.73
N ALA B 202 -4.31 10.93 -16.85
CA ALA B 202 -3.08 11.04 -17.62
C ALA B 202 -3.35 11.26 -19.11
N VAL B 203 -4.33 10.54 -19.67
CA VAL B 203 -4.55 10.67 -21.10
C VAL B 203 -5.20 12.02 -21.42
N ALA B 204 -5.82 12.67 -20.44
CA ALA B 204 -6.41 14.00 -20.63
C ALA B 204 -5.40 15.11 -20.47
N SER B 205 -4.23 14.81 -19.91
CA SER B 205 -3.28 15.84 -19.53
C SER B 205 -2.79 16.60 -20.75
N LEU B 206 -2.51 17.89 -20.55
CA LEU B 206 -1.88 18.73 -21.57
C LEU B 206 -0.36 18.80 -21.44
N HIS B 207 0.25 18.06 -20.50
CA HIS B 207 1.67 18.22 -20.23
C HIS B 207 2.51 17.24 -21.05
N PRO B 208 3.80 17.53 -21.21
CA PRO B 208 4.56 16.89 -22.29
C PRO B 208 4.82 15.40 -22.11
N LYS B 209 4.92 14.88 -20.88
CA LYS B 209 5.25 13.47 -20.70
C LYS B 209 4.02 12.58 -20.59
N ARG B 210 2.86 13.04 -21.06
CA ARG B 210 1.67 12.23 -20.84
C ARG B 210 1.80 10.86 -21.52
N LYS B 211 2.57 10.77 -22.60
CA LYS B 211 2.78 9.48 -23.23
C LYS B 211 3.51 8.53 -22.29
N GLN B 212 4.63 8.98 -21.71
CA GLN B 212 5.41 8.15 -20.81
C GLN B 212 4.61 7.79 -19.55
N VAL B 213 3.90 8.77 -18.96
CA VAL B 213 3.05 8.49 -17.80
C VAL B 213 1.99 7.45 -18.12
N THR B 214 1.34 7.59 -19.27
CA THR B 214 0.32 6.63 -19.63
C THR B 214 0.91 5.22 -19.73
N GLU B 215 2.07 5.09 -20.39
CA GLU B 215 2.77 3.81 -20.46
C GLU B 215 3.08 3.26 -19.08
N LEU B 216 3.55 4.13 -18.17
CA LEU B 216 3.94 3.71 -16.83
C LEU B 216 2.75 3.15 -16.07
N LEU B 217 1.70 3.96 -15.94
CA LEU B 217 0.47 3.53 -15.29
C LEU B 217 0.05 2.16 -15.81
N LEU B 218 0.02 2.02 -17.14
CA LEU B 218 -0.37 0.73 -17.71
C LEU B 218 0.62 -0.37 -17.33
N ARG B 219 1.92 -0.08 -17.41
CA ARG B 219 2.92 -1.08 -17.02
C ARG B 219 2.77 -1.45 -15.55
N LYS B 220 2.34 -0.50 -14.72
CA LYS B 220 2.18 -0.71 -13.29
C LYS B 220 0.78 -1.19 -12.89
N GLY B 221 -0.02 -1.68 -13.84
CA GLY B 221 -1.28 -2.32 -13.53
C GLY B 221 -2.55 -1.51 -13.76
N ALA B 222 -2.47 -0.29 -14.30
CA ALA B 222 -3.69 0.48 -14.57
C ALA B 222 -4.64 -0.29 -15.48
N ASN B 223 -5.94 -0.28 -15.14
CA ASN B 223 -6.91 -0.95 -16.00
C ASN B 223 -7.15 -0.08 -17.23
N VAL B 224 -6.84 -0.63 -18.42
CA VAL B 224 -6.83 0.16 -19.65
C VAL B 224 -8.23 0.58 -20.08
N ASN B 225 -9.25 -0.20 -19.71
CA ASN B 225 -10.62 0.05 -20.11
C ASN B 225 -11.50 0.52 -18.96
N GLU B 226 -10.91 1.07 -17.91
CA GLU B 226 -11.68 1.46 -16.72
C GLU B 226 -12.70 2.52 -17.12
N LYS B 227 -13.95 2.37 -16.67
CA LYS B 227 -15.01 3.30 -17.03
C LYS B 227 -15.27 4.31 -15.91
N ASN B 228 -15.41 5.59 -16.26
CA ASN B 228 -15.86 6.57 -15.28
C ASN B 228 -17.40 6.52 -15.18
N LYS B 229 -17.98 7.47 -14.43
CA LYS B 229 -19.42 7.48 -14.17
C LYS B 229 -20.23 7.55 -15.46
N ASP B 230 -19.69 8.21 -16.47
CA ASP B 230 -20.33 8.32 -17.77
C ASP B 230 -19.96 7.19 -18.71
N PHE B 231 -19.36 6.12 -18.16
CA PHE B 231 -18.90 4.97 -18.95
C PHE B 231 -17.89 5.36 -20.01
N MET B 232 -17.15 6.43 -19.78
CA MET B 232 -16.04 6.78 -20.67
C MET B 232 -14.80 6.01 -20.25
N THR B 233 -14.18 5.36 -21.21
CA THR B 233 -12.84 4.82 -21.00
C THR B 233 -11.80 5.89 -21.24
N PRO B 234 -10.57 5.63 -20.83
CA PRO B 234 -9.46 6.51 -21.20
C PRO B 234 -9.40 6.79 -22.69
N LEU B 235 -9.76 5.82 -23.54
CA LEU B 235 -9.77 6.05 -24.99
C LEU B 235 -10.77 7.14 -25.35
N HIS B 236 -12.00 7.04 -24.83
CA HIS B 236 -12.97 8.13 -25.02
C HIS B 236 -12.35 9.47 -24.67
N VAL B 237 -11.80 9.57 -23.46
CA VAL B 237 -11.19 10.80 -22.98
C VAL B 237 -10.07 11.25 -23.92
N ALA B 238 -9.12 10.35 -24.25
CA ALA B 238 -8.05 10.75 -25.16
C ALA B 238 -8.62 11.19 -26.51
N ALA B 239 -9.57 10.42 -27.05
CA ALA B 239 -10.06 10.68 -28.41
C ALA B 239 -10.76 12.04 -28.49
N GLU B 240 -11.60 12.36 -27.53
CA GLU B 240 -12.32 13.61 -27.65
C GLU B 240 -11.41 14.82 -27.50
N ARG B 241 -10.16 14.62 -27.09
CA ARG B 241 -9.24 15.74 -26.94
C ARG B 241 -8.17 15.73 -28.01
N ALA B 242 -8.27 14.84 -28.98
CA ALA B 242 -7.25 14.70 -30.03
C ALA B 242 -5.86 14.39 -29.47
N HIS B 243 -5.78 13.78 -28.28
CA HIS B 243 -4.49 13.36 -27.71
C HIS B 243 -4.07 12.03 -28.34
N ASN B 244 -3.47 12.13 -29.52
CA ASN B 244 -3.27 10.94 -30.33
C ASN B 244 -2.14 10.06 -29.81
N ASP B 245 -1.11 10.65 -29.19
CA ASP B 245 0.03 9.84 -28.76
C ASP B 245 -0.40 8.80 -27.73
N VAL B 246 -1.12 9.22 -26.68
CA VAL B 246 -1.61 8.27 -25.68
C VAL B 246 -2.69 7.36 -26.26
N MET B 247 -3.44 7.82 -27.26
CA MET B 247 -4.38 6.90 -27.90
C MET B 247 -3.64 5.71 -28.49
N GLU B 248 -2.48 5.94 -29.10
CA GLU B 248 -1.67 4.85 -29.61
C GLU B 248 -1.25 3.91 -28.49
N VAL B 249 -0.85 4.46 -27.34
CA VAL B 249 -0.49 3.64 -26.19
C VAL B 249 -1.66 2.75 -25.76
N LEU B 250 -2.83 3.38 -25.55
CA LEU B 250 -4.01 2.62 -25.12
C LEU B 250 -4.30 1.48 -26.08
N HIS B 251 -4.28 1.77 -27.40
CA HIS B 251 -4.49 0.74 -28.41
C HIS B 251 -3.48 -0.39 -28.27
N LYS B 252 -2.21 -0.06 -28.06
CA LYS B 252 -1.19 -1.10 -27.90
C LYS B 252 -1.48 -1.99 -26.71
N HIS B 253 -2.11 -1.44 -25.66
CA HIS B 253 -2.36 -2.17 -24.42
C HIS B 253 -3.72 -2.82 -24.38
N GLY B 254 -4.39 -2.97 -25.51
CA GLY B 254 -5.66 -3.67 -25.57
C GLY B 254 -6.90 -2.84 -25.34
N ALA B 255 -6.84 -1.52 -25.50
CA ALA B 255 -8.07 -0.72 -25.39
C ALA B 255 -9.17 -1.30 -26.26
N LYS B 256 -10.38 -1.40 -25.70
CA LYS B 256 -11.54 -1.79 -26.48
C LYS B 256 -11.98 -0.59 -27.32
N MET B 257 -11.86 -0.71 -28.64
CA MET B 257 -12.08 0.42 -29.52
C MET B 257 -13.55 0.79 -29.62
N ASN B 258 -14.44 -0.19 -29.44
CA ASN B 258 -15.87 0.02 -29.59
C ASN B 258 -16.61 0.08 -28.26
N ALA B 259 -15.92 0.38 -27.16
CA ALA B 259 -16.59 0.53 -25.88
C ALA B 259 -17.55 1.72 -25.97
N LEU B 260 -18.72 1.58 -25.37
CA LEU B 260 -19.78 2.59 -25.49
C LEU B 260 -19.91 3.37 -24.19
N ASP B 261 -19.97 4.69 -24.29
CA ASP B 261 -20.30 5.51 -23.13
C ASP B 261 -21.82 5.39 -22.88
N THR B 262 -22.34 6.17 -21.93
CA THR B 262 -23.75 6.06 -21.56
C THR B 262 -24.68 6.60 -22.63
N LEU B 263 -24.17 7.33 -23.61
CA LEU B 263 -24.94 7.74 -24.76
C LEU B 263 -24.83 6.77 -25.92
N GLY B 264 -24.22 5.60 -25.69
CA GLY B 264 -24.02 4.67 -26.78
C GLY B 264 -22.97 5.06 -27.79
N GLN B 265 -22.07 5.98 -27.41
CA GLN B 265 -21.04 6.50 -28.31
C GLN B 265 -19.70 5.81 -28.09
N THR B 266 -18.98 5.58 -29.18
CA THR B 266 -17.59 5.13 -29.13
C THR B 266 -16.66 6.35 -29.00
N ALA B 267 -15.38 6.06 -28.75
CA ALA B 267 -14.38 7.12 -28.87
C ALA B 267 -14.48 7.83 -30.22
N LEU B 268 -14.77 7.07 -31.28
CA LEU B 268 -14.85 7.62 -32.63
C LEU B 268 -16.01 8.61 -32.77
N HIS B 269 -17.16 8.31 -32.16
CA HIS B 269 -18.22 9.33 -32.09
C HIS B 269 -17.67 10.63 -31.52
N ARG B 270 -16.96 10.54 -30.39
CA ARG B 270 -16.58 11.75 -29.67
C ARG B 270 -15.46 12.47 -30.41
N ALA B 271 -14.59 11.72 -31.10
CA ALA B 271 -13.61 12.34 -31.98
C ALA B 271 -14.27 13.03 -33.16
N ALA B 272 -15.27 12.37 -33.77
CA ALA B 272 -15.99 12.97 -34.90
C ALA B 272 -16.73 14.24 -34.50
N LEU B 273 -17.44 14.19 -33.37
CA LEU B 273 -18.20 15.35 -32.90
C LEU B 273 -17.32 16.57 -32.68
N ALA B 274 -16.06 16.36 -32.32
CA ALA B 274 -15.12 17.45 -32.10
C ALA B 274 -14.41 17.86 -33.37
N GLY B 275 -14.55 17.10 -34.45
CA GLY B 275 -13.84 17.42 -35.68
C GLY B 275 -12.36 17.13 -35.68
N HIS B 276 -11.91 16.13 -34.90
CA HIS B 276 -10.50 15.77 -34.81
C HIS B 276 -10.16 14.80 -35.93
N LEU B 277 -9.60 15.33 -37.02
CA LEU B 277 -9.51 14.55 -38.26
C LEU B 277 -8.53 13.40 -38.12
N GLN B 278 -7.31 13.69 -37.67
CA GLN B 278 -6.30 12.63 -37.57
C GLN B 278 -6.74 11.58 -36.55
N THR B 279 -7.32 12.02 -35.43
CA THR B 279 -7.85 11.09 -34.43
C THR B 279 -8.82 10.10 -35.07
N CYS B 280 -9.79 10.59 -35.84
CA CYS B 280 -10.69 9.69 -36.56
C CYS B 280 -9.93 8.74 -37.46
N ARG B 281 -8.93 9.24 -38.20
CA ARG B 281 -8.18 8.34 -39.08
C ARG B 281 -7.47 7.26 -38.26
N LEU B 282 -6.84 7.66 -37.16
CA LEU B 282 -6.19 6.68 -36.28
C LEU B 282 -7.19 5.64 -35.77
N LEU B 283 -8.32 6.10 -35.22
CA LEU B 283 -9.28 5.18 -34.65
C LEU B 283 -9.82 4.21 -35.68
N LEU B 284 -10.00 4.67 -36.92
CA LEU B 284 -10.44 3.77 -37.99
C LEU B 284 -9.41 2.68 -38.23
N SER B 285 -8.13 3.06 -38.28
CA SER B 285 -7.08 2.08 -38.51
C SER B 285 -6.93 1.13 -37.33
N TYR B 286 -7.38 1.52 -36.14
CA TYR B 286 -7.33 0.66 -34.96
C TYR B 286 -8.48 -0.34 -34.93
N GLY B 287 -9.50 -0.16 -35.76
CA GLY B 287 -10.62 -1.08 -35.78
C GLY B 287 -11.91 -0.55 -35.19
N SER B 288 -12.01 0.74 -34.94
CA SER B 288 -13.28 1.32 -34.56
C SER B 288 -14.32 1.08 -35.66
N ASP B 289 -15.53 0.74 -35.24
CA ASP B 289 -16.61 0.44 -36.17
C ASP B 289 -17.38 1.72 -36.45
N PRO B 290 -17.35 2.27 -37.67
CA PRO B 290 -18.01 3.57 -37.90
C PRO B 290 -19.51 3.47 -38.01
N SER B 291 -20.06 2.27 -38.16
CA SER B 291 -21.49 2.09 -38.31
C SER B 291 -22.26 2.15 -37.01
N ILE B 292 -21.57 2.12 -35.86
CA ILE B 292 -22.28 2.05 -34.58
C ILE B 292 -23.17 3.26 -34.39
N ILE B 293 -24.42 2.99 -34.00
CA ILE B 293 -25.45 4.01 -33.87
C ILE B 293 -25.61 4.33 -32.41
N SER B 294 -25.46 5.60 -32.05
CA SER B 294 -25.57 6.03 -30.67
C SER B 294 -27.02 5.93 -30.20
N LEU B 295 -27.21 6.01 -28.88
CA LEU B 295 -28.57 5.97 -28.31
C LEU B 295 -29.39 7.19 -28.72
N GLN B 296 -28.74 8.24 -29.21
CA GLN B 296 -29.46 9.36 -29.80
C GLN B 296 -29.74 9.13 -31.28
N GLY B 297 -29.29 8.01 -31.85
CA GLY B 297 -29.60 7.67 -33.22
C GLY B 297 -28.57 8.08 -34.25
N PHE B 298 -27.35 8.43 -33.86
CA PHE B 298 -26.35 8.96 -34.78
C PHE B 298 -25.17 8.02 -34.95
N THR B 299 -24.78 7.79 -36.21
CA THR B 299 -23.44 7.32 -36.47
C THR B 299 -22.44 8.46 -36.25
N ALA B 300 -21.15 8.11 -36.26
CA ALA B 300 -20.12 9.13 -36.10
C ALA B 300 -20.19 10.16 -37.22
N ALA B 301 -20.29 9.69 -38.46
CA ALA B 301 -20.44 10.58 -39.61
C ALA B 301 -21.61 11.55 -39.44
N GLN B 302 -22.72 11.08 -38.89
CA GLN B 302 -23.89 11.93 -38.74
C GLN B 302 -23.71 13.01 -37.70
N MET B 303 -22.59 13.04 -37.00
CA MET B 303 -22.31 14.11 -36.05
C MET B 303 -21.14 14.98 -36.49
N GLY B 304 -20.44 14.63 -37.56
CA GLY B 304 -19.19 15.27 -37.90
C GLY B 304 -19.33 16.31 -39.02
N ASN B 305 -18.24 17.06 -39.21
CA ASN B 305 -18.21 18.06 -40.26
C ASN B 305 -17.90 17.37 -41.59
N GLU B 306 -17.88 18.16 -42.66
CA GLU B 306 -17.70 17.58 -43.99
C GLU B 306 -16.43 16.73 -44.07
N ALA B 307 -15.32 17.25 -43.53
CA ALA B 307 -14.05 16.51 -43.58
C ALA B 307 -14.15 15.20 -42.81
N VAL B 308 -14.77 15.21 -41.63
CA VAL B 308 -15.02 13.97 -40.88
C VAL B 308 -15.81 12.99 -41.73
N GLN B 309 -16.91 13.46 -42.33
CA GLN B 309 -17.76 12.59 -43.15
C GLN B 309 -16.98 11.97 -44.30
N GLN B 310 -16.12 12.77 -44.94
CA GLN B 310 -15.29 12.25 -46.03
C GLN B 310 -14.37 11.15 -45.52
N ILE B 311 -13.66 11.40 -44.42
CA ILE B 311 -12.76 10.39 -43.85
C ILE B 311 -13.50 9.09 -43.56
N LEU B 312 -14.73 9.19 -43.06
CA LEU B 312 -15.45 7.99 -42.64
C LEU B 312 -16.05 7.23 -43.83
N SER B 313 -16.35 7.92 -44.93
CA SER B 313 -16.89 7.22 -46.09
C SER B 313 -15.82 6.47 -46.88
N GLU B 314 -14.55 6.77 -46.64
CA GLU B 314 -13.47 6.07 -47.33
C GLU B 314 -13.41 4.60 -46.92
N ARG C 10 8.87 -4.69 34.92
CA ARG C 10 9.27 -5.83 34.08
C ARG C 10 10.65 -6.38 34.45
N GLY C 11 11.69 -5.55 34.33
CA GLY C 11 13.03 -6.06 34.53
C GLY C 11 13.66 -6.46 33.22
N ARG C 12 14.83 -5.91 32.90
CA ARG C 12 15.42 -6.03 31.57
C ARG C 12 15.88 -7.46 31.31
N GLY C 13 16.59 -7.65 30.20
CA GLY C 13 17.21 -8.92 29.90
C GLY C 13 18.71 -8.75 29.97
N ASP C 14 19.40 -9.82 30.38
CA ASP C 14 20.85 -9.79 30.40
C ASP C 14 21.38 -9.56 28.99
N GLY C 15 22.42 -8.75 28.89
CA GLY C 15 23.04 -8.43 27.63
C GLY C 15 23.73 -7.08 27.65
N GLN C 16 24.35 -6.75 26.52
CA GLN C 16 25.18 -5.57 26.38
C GLN C 16 25.22 -5.18 24.90
N GLU C 17 25.10 -3.89 24.60
CA GLU C 17 25.29 -3.42 23.23
C GLU C 17 26.74 -3.61 22.81
N ARG D 10 -8.09 23.58 26.09
CA ARG D 10 -8.85 23.48 24.85
C ARG D 10 -10.12 22.64 24.98
N GLY D 11 -11.25 23.30 25.18
CA GLY D 11 -12.51 22.59 25.30
C GLY D 11 -12.88 21.90 24.00
N ARG D 12 -14.15 21.48 23.94
CA ARG D 12 -14.75 20.88 22.76
C ARG D 12 -15.84 21.81 22.21
N GLY D 13 -16.24 21.57 20.97
CA GLY D 13 -17.28 22.35 20.35
C GLY D 13 -18.68 21.87 20.70
N ASP D 14 -19.66 22.78 20.58
CA ASP D 14 -21.05 22.43 20.86
C ASP D 14 -21.50 21.35 19.89
N GLY D 15 -22.16 20.32 20.41
CA GLY D 15 -22.75 19.30 19.58
C GLY D 15 -22.92 18.00 20.35
N GLN D 16 -23.32 16.97 19.63
CA GLN D 16 -23.50 15.63 20.18
C GLN D 16 -23.32 14.62 19.06
N GLU D 17 -22.76 13.48 19.40
CA GLU D 17 -22.53 12.42 18.44
C GLU D 17 -23.84 11.80 17.96
#